data_4REG
#
_entry.id   4REG
#
_cell.length_a   79.259
_cell.length_b   79.259
_cell.length_c   136.103
_cell.angle_alpha   90.00
_cell.angle_beta   90.00
_cell.angle_gamma   120.00
#
_symmetry.space_group_name_H-M   'P 31 2 1'
#
loop_
_entity.id
_entity.type
_entity.pdbx_description
1 polymer 'Uncharacterized protein'
2 water water
#
_entity_poly.entity_id   1
_entity_poly.type   'polypeptide(L)'
_entity_poly.pdbx_seq_one_letter_code
;MYVRISGRIRLNAHSLNAQGGGGTNYIEITKTKVTVRTENGWTVVEVPAITGNMLKHWHFVGFVDYFKTTPYGVNLTERA
LRYNGTRFGQGETTATKANGATVQLNDEATIIKELADADVHGFLAPKTGRRRVSLVKASFILPTEDFIKEVEGERLITAI
KHNRVDVDEKGAIGSSKEGTAQMLFSREYATGLYGFSIVLDLGLVGIPQGLPVKFEENQPRPNIVIDPNERKARIESALK
ALIPMLSGYIGANLARSFPVFKVEELVAIASEGPIPALVHGFYEDYIEANRSIIKNARALGFNIEVFTYNVDLGEDIEAT
KVSSVEELVANLVKMVGGKE
;
_entity_poly.pdbx_strand_id   A
#
# COMPACT_ATOMS: atom_id res chain seq x y z
N MET A 1 -8.19 -1.43 9.63
CA MET A 1 -6.86 -1.99 10.01
C MET A 1 -6.17 -2.62 8.81
N TYR A 2 -6.95 -3.20 7.89
CA TYR A 2 -6.44 -3.69 6.60
C TYR A 2 -7.10 -3.01 5.40
N VAL A 3 -6.33 -2.36 4.53
CA VAL A 3 -6.91 -1.57 3.46
C VAL A 3 -6.44 -2.01 2.09
N ARG A 4 -7.36 -2.10 1.14
CA ARG A 4 -7.00 -2.41 -0.24
C ARG A 4 -7.69 -1.42 -1.08
N ILE A 5 -7.03 -1.02 -2.16
CA ILE A 5 -7.57 -0.03 -3.07
C ILE A 5 -7.25 -0.44 -4.45
N SER A 6 -8.25 -0.44 -5.32
CA SER A 6 -8.03 -0.73 -6.73
C SER A 6 -8.68 0.39 -7.53
N GLY A 7 -8.08 0.74 -8.67
CA GLY A 7 -8.63 1.80 -9.48
C GLY A 7 -7.85 2.11 -10.74
N ARG A 8 -8.11 3.30 -11.26
CA ARG A 8 -7.54 3.76 -12.50
C ARG A 8 -7.04 5.22 -12.41
N ILE A 9 -5.91 5.43 -13.06
CA ILE A 9 -5.34 6.75 -13.24
C ILE A 9 -5.23 7.06 -14.71
N ARG A 10 -5.30 8.35 -15.04
CA ARG A 10 -4.94 8.83 -16.37
C ARG A 10 -3.57 9.51 -16.43
N LEU A 11 -2.71 9.09 -17.34
CA LEU A 11 -1.44 9.74 -17.55
C LEU A 11 -1.54 10.98 -18.44
N ASN A 12 -0.55 11.83 -18.32
CA ASN A 12 -0.37 12.94 -19.24
C ASN A 12 1.09 13.15 -19.61
N ALA A 13 1.42 14.39 -19.92
CA ALA A 13 2.61 14.70 -20.72
C ALA A 13 3.96 14.46 -20.05
N HIS A 14 4.21 13.27 -19.54
CA HIS A 14 5.49 13.00 -18.91
C HIS A 14 5.96 11.59 -18.94
N ILE A 29 9.35 8.92 -13.05
CA ILE A 29 8.52 7.86 -13.62
C ILE A 29 9.31 6.85 -14.48
N THR A 30 9.47 5.64 -13.98
CA THR A 30 10.20 4.58 -14.67
C THR A 30 9.24 3.71 -15.45
N LYS A 31 9.36 3.71 -16.77
CA LYS A 31 8.51 2.88 -17.59
C LYS A 31 9.30 1.72 -18.17
N THR A 32 8.65 0.57 -18.21
CA THR A 32 9.24 -0.65 -18.70
C THR A 32 8.22 -1.39 -19.50
N LYS A 33 8.67 -2.45 -20.15
CA LYS A 33 7.82 -3.34 -20.93
C LYS A 33 7.41 -4.55 -20.12
N VAL A 34 6.12 -4.89 -20.22
CA VAL A 34 5.61 -6.13 -19.66
C VAL A 34 4.70 -6.77 -20.68
N THR A 35 4.50 -8.07 -20.51
CA THR A 35 3.50 -8.78 -21.28
C THR A 35 2.32 -8.99 -20.35
N VAL A 36 1.17 -9.07 -20.98
CA VAL A 36 -0.11 -8.99 -20.30
C VAL A 36 -1.19 -9.64 -21.20
N ARG A 37 -2.31 -10.08 -20.61
CA ARG A 37 -3.52 -10.40 -21.39
C ARG A 37 -4.74 -9.85 -20.62
N THR A 38 -5.89 -9.33 -21.13
CA THR A 38 -6.52 -9.17 -22.49
C THR A 38 -7.45 -10.34 -22.88
N GLU A 39 -8.55 -10.48 -22.12
CA GLU A 39 -9.56 -11.51 -22.37
C GLU A 39 -10.20 -11.20 -23.74
N ASN A 40 -11.06 -12.11 -24.20
CA ASN A 40 -11.56 -12.22 -25.58
C ASN A 40 -10.58 -13.06 -26.36
N GLY A 41 -10.63 -14.35 -26.07
CA GLY A 41 -9.55 -15.27 -26.39
C GLY A 41 -8.41 -14.91 -25.47
N TRP A 42 -7.31 -15.62 -25.59
CA TRP A 42 -6.07 -15.24 -24.91
C TRP A 42 -5.08 -14.72 -25.90
N THR A 43 -4.83 -13.42 -25.83
CA THR A 43 -3.73 -12.81 -26.55
C THR A 43 -2.75 -12.26 -25.51
N VAL A 44 -1.48 -12.65 -25.57
CA VAL A 44 -0.45 -11.98 -24.77
C VAL A 44 0.05 -10.76 -25.56
N VAL A 45 0.08 -9.61 -24.93
CA VAL A 45 0.51 -8.37 -25.59
C VAL A 45 1.56 -7.68 -24.72
N GLU A 46 2.66 -7.25 -25.34
CA GLU A 46 3.69 -6.54 -24.61
C GLU A 46 3.22 -5.12 -24.56
N VAL A 47 3.25 -4.53 -23.36
CA VAL A 47 2.77 -3.18 -23.16
C VAL A 47 3.67 -2.40 -22.20
N PRO A 48 3.67 -1.08 -22.32
CA PRO A 48 4.46 -0.34 -21.33
C PRO A 48 3.83 -0.49 -19.96
N ALA A 49 4.63 -0.35 -18.90
CA ALA A 49 4.10 -0.40 -17.53
C ALA A 49 4.98 0.40 -16.57
N ILE A 50 4.43 0.70 -15.41
CA ILE A 50 5.13 1.46 -14.41
C ILE A 50 5.13 0.66 -13.13
N THR A 51 6.33 0.41 -12.62
CA THR A 51 6.57 -0.35 -11.39
C THR A 51 5.74 0.20 -10.25
N GLY A 52 5.25 -0.67 -9.38
CA GLY A 52 4.52 -0.23 -8.21
C GLY A 52 5.37 0.60 -7.26
N ASN A 53 6.68 0.51 -7.43
CA ASN A 53 7.57 1.22 -6.50
C ASN A 53 7.43 2.71 -6.61
N MET A 54 7.02 3.21 -7.77
CA MET A 54 6.63 4.59 -7.84
C MET A 54 5.68 4.94 -6.70
N LEU A 55 4.49 4.35 -6.70
CA LEU A 55 3.51 4.63 -5.64
C LEU A 55 4.03 4.31 -4.24
N LYS A 56 4.87 3.30 -4.10
CA LYS A 56 5.37 2.96 -2.77
C LYS A 56 6.35 4.06 -2.31
N HIS A 57 7.18 4.52 -3.21
CA HIS A 57 8.07 5.61 -2.86
C HIS A 57 7.31 6.83 -2.34
N TRP A 58 6.25 7.22 -3.05
CA TRP A 58 5.50 8.41 -2.65
C TRP A 58 4.68 8.16 -1.39
N HIS A 59 4.24 6.92 -1.17
CA HIS A 59 3.62 6.68 0.12
C HIS A 59 4.68 6.90 1.21
N PHE A 60 5.88 6.41 0.96
CA PHE A 60 6.96 6.49 1.91
C PHE A 60 7.32 7.97 2.23
N VAL A 61 7.44 8.85 1.25
CA VAL A 61 7.66 10.28 1.56
C VAL A 61 6.58 10.88 2.51
N GLY A 62 5.31 10.57 2.21
CA GLY A 62 4.24 11.17 2.98
C GLY A 62 4.19 10.58 4.34
N PHE A 63 4.54 9.30 4.46
CA PHE A 63 4.51 8.62 5.73
C PHE A 63 5.52 9.31 6.63
N VAL A 64 6.73 9.49 6.11
CA VAL A 64 7.74 10.27 6.83
C VAL A 64 7.23 11.68 7.15
N ASP A 65 6.69 12.39 6.16
CA ASP A 65 6.21 13.76 6.37
C ASP A 65 5.12 13.86 7.41
N TYR A 66 4.17 12.90 7.44
CA TYR A 66 3.15 12.85 8.50
C TYR A 66 3.62 12.31 9.81
N PHE A 67 4.51 11.30 9.78
CA PHE A 67 4.94 10.70 11.05
C PHE A 67 5.92 11.61 11.79
N LYS A 68 6.79 12.31 11.06
CA LYS A 68 7.63 13.38 11.63
C LYS A 68 6.96 14.22 12.68
N THR A 69 5.75 14.67 12.37
CA THR A 69 5.11 15.71 13.15
C THR A 69 4.42 15.21 14.40
N THR A 70 4.31 13.89 14.55
CA THR A 70 3.78 13.31 15.77
C THR A 70 4.79 13.33 16.93
N PRO A 71 4.32 13.10 18.16
CA PRO A 71 5.23 12.98 19.30
C PRO A 71 6.29 11.92 19.08
N TYR A 72 6.03 10.97 18.18
CA TYR A 72 6.93 9.85 17.95
C TYR A 72 7.89 10.05 16.78
N GLY A 73 7.78 11.15 16.05
CA GLY A 73 8.50 11.35 14.82
C GLY A 73 9.99 11.10 14.86
N VAL A 74 10.55 10.92 16.06
CA VAL A 74 11.96 10.65 16.26
C VAL A 74 12.32 9.18 16.00
N ASN A 75 11.31 8.32 16.05
CA ASN A 75 11.50 6.92 15.76
C ASN A 75 11.48 6.64 14.25
N LEU A 76 12.55 7.08 13.59
CA LEU A 76 12.72 7.03 12.15
C LEU A 76 14.21 6.83 11.91
N THR A 77 14.60 6.20 10.80
CA THR A 77 15.99 6.22 10.48
C THR A 77 16.32 7.66 10.05
N GLU A 78 17.53 8.08 10.36
CA GLU A 78 18.04 9.31 9.79
C GLU A 78 17.86 9.35 8.26
N ARG A 79 18.13 8.26 7.59
CA ARG A 79 17.96 8.26 6.12
C ARG A 79 16.52 8.61 5.67
N ALA A 80 15.52 8.24 6.44
CA ALA A 80 14.13 8.46 6.05
C ALA A 80 13.79 9.97 6.05
N LEU A 81 14.53 10.71 6.86
CA LEU A 81 14.35 12.14 7.00
C LEU A 81 14.80 12.88 5.76
N ARG A 82 15.74 12.30 5.00
CA ARG A 82 16.06 12.82 3.66
C ARG A 82 15.38 11.97 2.59
N TYR A 83 14.36 11.21 2.99
CA TYR A 83 13.66 10.33 2.06
C TYR A 83 14.56 9.31 1.34
N ASN A 84 15.68 8.96 1.96
CA ASN A 84 16.58 7.93 1.46
C ASN A 84 16.06 6.58 1.98
N GLY A 85 15.72 5.67 1.08
CA GLY A 85 15.14 4.38 1.49
C GLY A 85 16.05 3.16 1.44
N THR A 86 17.35 3.35 1.67
CA THR A 86 18.31 2.25 1.81
C THR A 86 18.20 1.64 3.21
N ARG A 87 17.46 0.54 3.29
CA ARG A 87 17.03 -0.07 4.56
C ARG A 87 17.03 -1.61 4.43
N PHE A 88 18.20 -2.24 4.42
CA PHE A 88 19.51 -1.62 4.66
C PHE A 88 20.57 -2.10 3.67
N GLY A 89 21.79 -1.62 3.82
CA GLY A 89 22.84 -2.07 2.93
C GLY A 89 23.20 -3.53 3.20
N GLN A 90 23.69 -4.22 2.17
CA GLN A 90 23.92 -5.66 2.19
C GLN A 90 24.80 -6.10 3.32
N GLY A 91 25.68 -5.23 3.77
CA GLY A 91 26.56 -5.59 4.85
C GLY A 91 26.38 -4.80 6.11
N GLU A 92 25.27 -4.06 6.22
CA GLU A 92 25.02 -3.27 7.42
C GLU A 92 24.46 -4.06 8.60
N THR A 93 24.99 -3.71 9.76
CA THR A 93 24.71 -4.34 11.02
C THR A 93 24.09 -3.34 12.00
N THR A 94 24.13 -2.06 11.62
CA THR A 94 23.52 -1.02 12.43
C THR A 94 22.82 0.02 11.57
N ALA A 95 22.06 0.88 12.23
CA ALA A 95 21.39 1.99 11.60
C ALA A 95 21.35 3.17 12.56
N THR A 96 21.48 4.37 12.00
CA THR A 96 21.43 5.61 12.77
C THR A 96 19.99 6.12 12.87
N LYS A 97 19.52 6.37 14.09
CA LYS A 97 18.18 6.87 14.33
C LYS A 97 18.19 8.35 14.07
N ALA A 98 17.02 8.98 13.90
CA ALA A 98 16.99 10.42 13.60
C ALA A 98 17.64 11.25 14.75
N ASN A 99 17.51 10.75 15.97
CA ASN A 99 18.40 11.02 17.12
C ASN A 99 19.87 11.26 16.94
N GLY A 100 20.47 10.40 16.12
CA GLY A 100 21.90 10.17 16.16
C GLY A 100 22.22 8.91 16.95
N ALA A 101 21.22 8.27 17.54
CA ALA A 101 21.46 7.01 18.25
C ALA A 101 21.66 5.88 17.26
N THR A 102 22.42 4.87 17.69
CA THR A 102 22.66 3.67 16.90
C THR A 102 21.75 2.53 17.32
N VAL A 103 21.18 1.88 16.30
CA VAL A 103 20.25 0.78 16.47
C VAL A 103 20.86 -0.47 15.85
N GLN A 104 21.00 -1.54 16.65
CA GLN A 104 21.43 -2.82 16.13
C GLN A 104 20.40 -3.41 15.19
N LEU A 105 20.87 -4.04 14.11
CA LEU A 105 19.97 -4.66 13.13
C LEU A 105 19.82 -6.16 13.36
N ASN A 106 19.95 -6.55 14.63
CA ASN A 106 19.87 -7.94 15.10
C ASN A 106 18.56 -8.60 15.27
N ASP A 107 17.53 -7.80 15.46
CA ASP A 107 16.32 -8.35 16.01
C ASP A 107 15.17 -7.47 15.54
N GLU A 108 14.32 -8.08 14.73
CA GLU A 108 13.22 -7.40 14.12
C GLU A 108 12.42 -6.59 15.18
N ALA A 109 12.20 -7.13 16.37
CA ALA A 109 11.47 -6.39 17.42
C ALA A 109 12.14 -5.07 17.73
N THR A 110 13.45 -5.08 17.91
CA THR A 110 14.19 -3.85 18.23
C THR A 110 14.13 -2.88 17.07
N ILE A 111 14.47 -3.40 15.89
CA ILE A 111 14.48 -2.59 14.68
C ILE A 111 13.14 -1.89 14.54
N ILE A 112 12.02 -2.63 14.54
CA ILE A 112 10.75 -1.95 14.26
C ILE A 112 10.31 -1.08 15.45
N LYS A 113 10.76 -1.38 16.67
CA LYS A 113 10.38 -0.55 17.80
C LYS A 113 10.96 0.85 17.65
N GLU A 114 12.19 0.91 17.17
CA GLU A 114 12.97 2.12 17.06
C GLU A 114 12.75 2.88 15.77
N LEU A 115 12.41 2.16 14.70
CA LEU A 115 12.42 2.70 13.34
C LEU A 115 11.08 2.44 12.62
N ALA A 116 10.20 3.41 12.65
CA ALA A 116 8.87 3.28 12.07
C ALA A 116 8.86 3.10 10.54
N ASP A 117 9.81 3.72 9.82
CA ASP A 117 9.96 3.42 8.38
C ASP A 117 10.25 1.91 8.11
N ALA A 118 11.05 1.25 8.96
CA ALA A 118 11.28 -0.20 8.80
C ALA A 118 10.07 -1.03 9.17
N ASP A 119 9.31 -0.53 10.15
CA ASP A 119 8.07 -1.16 10.54
C ASP A 119 7.07 -1.11 9.37
N VAL A 120 6.78 0.11 8.89
CA VAL A 120 5.69 0.30 7.93
C VAL A 120 6.11 -0.11 6.51
N HIS A 121 7.34 0.24 6.13
CA HIS A 121 7.78 -0.01 4.77
C HIS A 121 8.74 -1.17 4.67
N GLY A 122 8.86 -1.98 5.72
CA GLY A 122 9.75 -3.16 5.69
C GLY A 122 11.27 -2.85 5.68
N PHE A 123 12.08 -3.89 5.60
CA PHE A 123 13.52 -3.69 5.55
C PHE A 123 14.12 -4.99 5.15
N LEU A 124 15.37 -4.90 4.73
CA LEU A 124 16.21 -6.05 4.48
C LEU A 124 17.55 -5.88 5.15
N ALA A 125 17.94 -6.88 5.95
CA ALA A 125 19.25 -6.83 6.58
C ALA A 125 19.93 -8.20 6.41
N PRO A 126 20.42 -8.47 5.20
CA PRO A 126 21.01 -9.77 4.88
C PRO A 126 22.24 -10.14 5.73
N LYS A 127 23.04 -9.17 6.12
CA LYS A 127 24.16 -9.44 6.98
C LYS A 127 23.75 -10.09 8.32
N THR A 128 22.63 -9.66 8.89
CA THR A 128 22.10 -10.26 10.12
C THR A 128 21.00 -11.34 9.86
N GLY A 129 20.67 -11.61 8.60
CA GLY A 129 19.55 -12.49 8.26
C GLY A 129 18.19 -12.01 8.74
N ARG A 130 17.98 -10.69 8.84
CA ARG A 130 16.67 -10.17 9.18
C ARG A 130 15.96 -9.54 8.00
N ARG A 131 14.68 -9.82 7.89
CA ARG A 131 13.84 -9.32 6.81
C ARG A 131 12.44 -9.02 7.35
N ARG A 132 11.83 -7.96 6.83
CA ARG A 132 10.43 -7.68 7.05
C ARG A 132 9.85 -7.25 5.73
N VAL A 133 8.85 -7.97 5.27
CA VAL A 133 8.04 -7.56 4.15
C VAL A 133 7.29 -6.25 4.47
N SER A 134 7.32 -5.31 3.52
CA SER A 134 6.59 -4.04 3.58
C SER A 134 5.09 -4.25 3.84
N LEU A 135 4.53 -3.44 4.71
CA LEU A 135 3.09 -3.49 4.96
C LEU A 135 2.33 -2.74 3.85
N VAL A 136 3.05 -1.87 3.14
CA VAL A 136 2.55 -1.13 2.02
C VAL A 136 2.98 -1.79 0.69
N LYS A 137 2.02 -2.33 -0.07
CA LYS A 137 2.30 -2.96 -1.37
C LYS A 137 1.54 -2.33 -2.50
N ALA A 138 2.17 -2.37 -3.66
CA ALA A 138 1.62 -1.79 -4.88
C ALA A 138 2.03 -2.63 -6.04
N SER A 139 1.04 -3.13 -6.77
CA SER A 139 1.27 -3.85 -8.00
C SER A 139 1.84 -2.97 -9.07
N PHE A 140 2.22 -3.59 -10.18
CA PHE A 140 2.49 -2.83 -11.40
C PHE A 140 1.26 -2.01 -11.81
N ILE A 141 1.54 -0.83 -12.31
CA ILE A 141 0.54 0.00 -12.91
C ILE A 141 0.53 -0.32 -14.42
N LEU A 142 -0.64 -0.58 -14.99
CA LEU A 142 -0.70 -1.22 -16.30
C LEU A 142 -1.75 -0.58 -17.15
N PRO A 143 -1.45 -0.38 -18.42
CA PRO A 143 -2.55 0.13 -19.22
C PRO A 143 -3.69 -0.90 -19.22
N THR A 144 -4.87 -0.36 -19.09
CA THR A 144 -6.12 -1.09 -18.96
C THR A 144 -6.38 -2.15 -20.10
N GLU A 145 -6.93 -3.32 -19.74
CA GLU A 145 -7.33 -4.31 -20.76
C GLU A 145 -8.18 -3.64 -21.83
N ASP A 146 -9.16 -2.85 -21.40
CA ASP A 146 -9.98 -2.12 -22.36
C ASP A 146 -9.29 -0.95 -23.06
N PHE A 147 -8.19 -0.41 -22.55
CA PHE A 147 -7.51 0.73 -23.22
C PHE A 147 -6.58 0.17 -24.27
N ILE A 148 -5.86 -0.90 -23.92
CA ILE A 148 -5.36 -1.81 -24.95
C ILE A 148 -6.65 -2.25 -25.66
N LYS A 149 -6.62 -2.91 -26.81
CA LYS A 149 -7.88 -3.29 -27.54
C LYS A 149 -8.43 -2.09 -28.34
N GLU A 150 -8.69 -0.96 -27.70
CA GLU A 150 -8.76 0.31 -28.43
C GLU A 150 -7.45 0.68 -29.16
N VAL A 151 -6.41 -0.14 -29.04
CA VAL A 151 -5.18 -0.05 -29.82
C VAL A 151 -4.66 -1.49 -30.17
N GLU A 152 -5.22 -2.23 -31.15
CA GLU A 152 -6.23 -1.87 -32.15
C GLU A 152 -7.41 -0.99 -31.72
N PHE A 185 2.45 2.50 -31.35
CA PHE A 185 1.20 2.75 -30.63
C PHE A 185 1.41 3.51 -29.34
N SER A 186 2.62 4.00 -29.15
CA SER A 186 3.01 4.63 -27.90
C SER A 186 2.09 5.77 -27.64
N ARG A 187 2.38 6.93 -28.18
CA ARG A 187 1.41 7.98 -28.44
C ARG A 187 0.27 8.08 -27.46
N GLU A 188 -0.50 7.01 -27.44
CA GLU A 188 -1.72 6.93 -26.73
C GLU A 188 -1.41 6.36 -25.38
N TYR A 189 -0.44 5.46 -25.32
CA TYR A 189 0.02 4.97 -24.06
C TYR A 189 0.73 6.01 -23.22
N ALA A 190 1.33 7.00 -23.84
CA ALA A 190 1.98 8.06 -23.10
C ALA A 190 1.03 8.95 -22.34
N THR A 191 -0.17 9.10 -22.85
CA THR A 191 -1.24 9.62 -22.06
C THR A 191 -1.88 8.33 -21.65
N GLY A 192 -3.19 8.23 -21.59
CA GLY A 192 -3.79 6.92 -21.46
C GLY A 192 -4.21 6.44 -20.10
N LEU A 193 -4.91 5.32 -20.12
CA LEU A 193 -5.63 4.91 -18.93
C LEU A 193 -4.97 3.67 -18.31
N TYR A 194 -4.53 3.84 -17.07
CA TYR A 194 -3.75 2.82 -16.39
C TYR A 194 -4.51 2.30 -15.18
N GLY A 195 -4.45 0.99 -14.95
CA GLY A 195 -4.99 0.39 -13.74
C GLY A 195 -3.92 0.27 -12.64
N PHE A 196 -4.35 0.43 -11.39
CA PHE A 196 -3.48 0.14 -10.25
C PHE A 196 -4.16 -0.65 -9.12
N SER A 197 -3.32 -1.14 -8.20
CA SER A 197 -3.81 -1.77 -6.97
C SER A 197 -2.80 -1.66 -5.81
N ILE A 198 -3.30 -1.34 -4.62
CA ILE A 198 -2.52 -1.01 -3.49
C ILE A 198 -3.03 -1.82 -2.31
N VAL A 199 -2.15 -2.27 -1.42
CA VAL A 199 -2.55 -3.03 -0.24
C VAL A 199 -1.87 -2.46 1.00
N LEU A 200 -2.62 -2.19 2.06
CA LEU A 200 -2.09 -1.74 3.32
C LEU A 200 -2.42 -2.71 4.46
N ASP A 201 -1.43 -3.47 4.90
CA ASP A 201 -1.64 -4.44 5.99
C ASP A 201 -1.27 -3.81 7.33
N LEU A 202 -2.06 -2.84 7.76
CA LEU A 202 -1.70 -2.04 8.90
C LEU A 202 -1.90 -2.72 10.22
N GLY A 203 -2.67 -3.80 10.25
CA GLY A 203 -2.78 -4.62 11.46
C GLY A 203 -1.45 -5.17 11.99
N LEU A 204 -0.41 -5.20 11.16
CA LEU A 204 0.88 -5.74 11.58
C LEU A 204 1.82 -4.68 12.07
N VAL A 205 1.39 -3.42 12.07
CA VAL A 205 2.24 -2.38 12.67
C VAL A 205 2.63 -2.74 14.13
N GLY A 206 3.90 -2.54 14.45
CA GLY A 206 4.41 -2.82 15.77
C GLY A 206 4.57 -4.30 16.10
N ILE A 207 4.39 -5.17 15.11
CA ILE A 207 4.40 -6.59 15.37
C ILE A 207 5.36 -7.28 14.42
N PRO A 208 6.40 -7.98 14.95
CA PRO A 208 7.38 -8.66 14.08
C PRO A 208 6.79 -9.84 13.33
N GLN A 209 7.10 -9.96 12.04
CA GLN A 209 6.47 -11.01 11.24
C GLN A 209 7.07 -12.40 11.53
N GLY A 210 8.32 -12.44 12.00
CA GLY A 210 8.94 -13.70 12.39
C GLY A 210 8.60 -14.13 13.80
N LEU A 211 7.93 -13.26 14.58
CA LEU A 211 7.48 -13.66 15.90
C LEU A 211 6.21 -12.89 16.25
N PRO A 212 5.12 -13.20 15.52
CA PRO A 212 3.86 -12.47 15.71
C PRO A 212 3.24 -12.73 17.09
N VAL A 213 3.42 -13.91 17.66
CA VAL A 213 2.92 -14.19 19.02
C VAL A 213 4.00 -14.72 20.00
N LYS A 214 3.89 -14.33 21.27
CA LYS A 214 4.70 -14.87 22.36
C LYS A 214 3.83 -15.57 23.43
N PHE A 215 4.40 -16.57 24.11
CA PHE A 215 3.67 -17.42 25.02
C PHE A 215 3.90 -17.24 26.53
N GLU A 216 3.06 -17.99 27.25
CA GLU A 216 3.06 -18.35 28.68
C GLU A 216 1.98 -17.54 29.35
N GLU A 217 1.15 -18.17 30.18
CA GLU A 217 1.25 -19.60 30.56
C GLU A 217 0.66 -20.55 29.52
N ASN A 218 1.53 -21.07 28.67
CA ASN A 218 1.12 -21.74 27.46
C ASN A 218 0.08 -20.94 26.66
N GLN A 219 -0.06 -19.65 26.95
CA GLN A 219 -1.13 -18.84 26.37
C GLN A 219 -0.60 -17.77 25.41
N PRO A 220 -0.96 -17.87 24.11
CA PRO A 220 -0.52 -16.95 23.06
C PRO A 220 -1.02 -15.53 23.24
N ARG A 221 -0.15 -14.56 23.02
CA ARG A 221 -0.53 -13.15 23.07
C ARG A 221 -0.01 -12.51 21.80
N PRO A 222 -0.72 -11.48 21.32
CA PRO A 222 -0.06 -10.81 20.20
C PRO A 222 1.26 -10.17 20.67
N ASN A 223 2.30 -10.20 19.87
CA ASN A 223 3.61 -9.66 20.25
C ASN A 223 3.80 -8.21 19.72
N ILE A 224 3.23 -7.25 20.44
CA ILE A 224 3.24 -5.85 20.05
C ILE A 224 4.30 -5.17 20.83
N VAL A 225 5.22 -4.48 20.16
CA VAL A 225 6.42 -3.98 20.82
C VAL A 225 6.54 -2.46 20.89
N ILE A 226 5.48 -1.75 20.55
CA ILE A 226 5.37 -0.34 20.76
C ILE A 226 4.04 -0.10 21.50
N ASP A 227 3.95 0.98 22.28
CA ASP A 227 2.76 1.23 23.09
C ASP A 227 1.59 1.51 22.18
N PRO A 228 0.37 1.45 22.72
CA PRO A 228 -0.79 1.65 21.86
C PRO A 228 -0.87 3.00 21.12
N ASN A 229 -0.47 4.12 21.73
CA ASN A 229 -0.48 5.40 21.03
C ASN A 229 0.53 5.57 19.87
N GLU A 230 1.72 4.98 19.94
CA GLU A 230 2.65 5.09 18.85
C GLU A 230 2.09 4.25 17.72
N ARG A 231 1.54 3.09 18.09
CA ARG A 231 0.93 2.22 17.12
C ARG A 231 -0.12 3.01 16.32
N LYS A 232 -0.89 3.83 17.02
CA LYS A 232 -1.97 4.58 16.43
C LYS A 232 -1.43 5.68 15.54
N ALA A 233 -0.41 6.38 16.01
CA ALA A 233 0.25 7.44 15.22
C ALA A 233 0.83 6.90 13.90
N ARG A 234 1.40 5.70 13.98
CA ARG A 234 1.98 5.04 12.82
C ARG A 234 0.91 4.65 11.80
N ILE A 235 -0.22 4.11 12.30
CA ILE A 235 -1.33 3.75 11.41
C ILE A 235 -1.98 4.98 10.75
N GLU A 236 -2.23 6.04 11.51
CA GLU A 236 -2.82 7.24 10.90
C GLU A 236 -1.91 7.81 9.84
N SER A 237 -0.62 7.87 10.16
CA SER A 237 0.36 8.34 9.22
C SER A 237 0.40 7.46 8.00
N ALA A 238 0.27 6.15 8.16
CA ALA A 238 0.27 5.30 6.97
C ALA A 238 -1.03 5.50 6.15
N LEU A 239 -2.16 5.83 6.78
CA LEU A 239 -3.35 6.21 6.00
C LEU A 239 -3.29 7.60 5.36
N LYS A 240 -2.88 8.62 6.12
CA LYS A 240 -2.82 9.97 5.55
C LYS A 240 -1.81 10.04 4.42
N ALA A 241 -0.82 9.15 4.46
CA ALA A 241 0.19 9.12 3.41
C ALA A 241 -0.43 8.72 2.08
N LEU A 242 -1.61 8.14 2.12
CA LEU A 242 -2.33 7.82 0.89
C LEU A 242 -2.60 9.05 0.01
N ILE A 243 -2.83 10.21 0.63
CA ILE A 243 -3.11 11.43 -0.14
C ILE A 243 -1.95 11.75 -1.08
N PRO A 244 -0.72 11.92 -0.55
CA PRO A 244 0.34 12.18 -1.54
C PRO A 244 0.70 10.95 -2.38
N MET A 245 0.56 9.73 -1.88
CA MET A 245 0.74 8.54 -2.72
C MET A 245 -0.11 8.61 -3.99
N LEU A 246 -1.29 9.25 -3.90
CA LEU A 246 -2.22 9.27 -5.03
C LEU A 246 -2.43 10.61 -5.75
N SER A 247 -1.77 11.66 -5.26
CA SER A 247 -2.02 13.02 -5.75
C SER A 247 -1.61 13.33 -7.20
N GLY A 248 -0.50 12.74 -7.65
CA GLY A 248 0.31 13.30 -8.73
C GLY A 248 1.61 13.84 -8.10
N TYR A 249 2.13 14.95 -8.59
CA TYR A 249 3.38 15.53 -8.04
C TYR A 249 4.57 14.58 -8.18
N VAL A 260 1.18 11.67 -15.80
CA VAL A 260 1.60 11.78 -14.41
C VAL A 260 0.49 12.34 -13.57
N PHE A 261 -0.64 11.67 -13.68
CA PHE A 261 -1.51 11.31 -12.58
C PHE A 261 -2.65 12.15 -12.28
N LYS A 262 -3.78 11.70 -12.79
CA LYS A 262 -5.04 12.00 -12.17
C LYS A 262 -5.61 10.64 -11.75
N VAL A 263 -6.21 10.57 -10.57
CA VAL A 263 -7.01 9.43 -10.18
C VAL A 263 -8.42 9.63 -10.74
N GLU A 264 -8.80 8.73 -11.63
CA GLU A 264 -10.08 8.75 -12.28
C GLU A 264 -11.17 8.05 -11.47
N GLU A 265 -10.87 6.85 -11.00
CA GLU A 265 -11.82 6.06 -10.23
C GLU A 265 -11.10 5.11 -9.26
N LEU A 266 -11.75 4.78 -8.16
CA LEU A 266 -11.30 3.65 -7.39
C LEU A 266 -12.36 3.04 -6.43
N VAL A 267 -12.06 1.80 -6.06
CA VAL A 267 -12.74 1.08 -5.01
C VAL A 267 -11.77 0.84 -3.83
N ALA A 268 -12.22 1.13 -2.61
CA ALA A 268 -11.40 0.83 -1.46
C ALA A 268 -12.18 0.06 -0.42
N ILE A 269 -11.53 -0.86 0.31
CA ILE A 269 -12.15 -1.64 1.39
C ILE A 269 -11.39 -1.81 2.73
N ALA A 270 -12.04 -2.28 3.77
CA ALA A 270 -11.59 -2.12 5.15
C ALA A 270 -10.44 -3.04 5.71
N SER A 271 -10.86 -4.09 6.38
CA SER A 271 -10.18 -4.77 7.43
C SER A 271 -11.09 -5.91 7.63
N GLU A 272 -10.83 -6.84 8.53
CA GLU A 272 -9.79 -6.73 9.52
C GLU A 272 -8.89 -7.90 9.54
N GLY A 273 -8.72 -8.51 8.40
CA GLY A 273 -7.84 -9.62 8.29
C GLY A 273 -7.73 -9.63 6.84
N PRO A 274 -6.77 -10.46 6.24
CA PRO A 274 -6.61 -10.22 4.80
C PRO A 274 -7.87 -10.31 3.95
N ILE A 275 -9.05 -10.35 4.59
CA ILE A 275 -10.31 -9.95 4.04
C ILE A 275 -10.43 -10.72 2.77
N PRO A 276 -11.02 -10.20 1.76
CA PRO A 276 -10.47 -10.64 0.48
C PRO A 276 -9.68 -9.59 -0.28
N ALA A 277 -8.93 -10.10 -1.23
CA ALA A 277 -8.12 -9.30 -2.10
C ALA A 277 -9.04 -8.69 -3.17
N LEU A 278 -8.64 -7.55 -3.74
CA LEU A 278 -9.38 -6.96 -4.87
C LEU A 278 -8.84 -7.37 -6.23
N VAL A 279 -9.68 -7.28 -7.23
CA VAL A 279 -9.24 -7.42 -8.63
C VAL A 279 -8.60 -6.10 -9.06
N HIS A 280 -7.45 -6.22 -9.69
CA HIS A 280 -6.67 -5.12 -10.25
C HIS A 280 -7.44 -4.28 -11.26
N GLY A 281 -7.33 -2.95 -11.14
CA GLY A 281 -8.02 -2.00 -12.00
C GLY A 281 -7.74 -2.19 -13.48
N PHE A 282 -6.63 -2.84 -13.80
CA PHE A 282 -6.35 -3.31 -15.16
C PHE A 282 -7.52 -3.98 -15.87
N TYR A 283 -8.22 -4.89 -15.20
CA TYR A 283 -9.27 -5.70 -15.85
C TYR A 283 -10.47 -4.87 -16.19
N GLU A 284 -11.01 -5.10 -17.39
CA GLU A 284 -12.11 -4.28 -17.95
C GLU A 284 -13.29 -4.47 -17.02
N ASP A 285 -13.32 -5.71 -16.59
CA ASP A 285 -14.04 -6.32 -15.51
C ASP A 285 -14.07 -5.77 -14.07
N TYR A 286 -12.99 -5.14 -13.65
CA TYR A 286 -12.67 -5.14 -12.25
C TYR A 286 -13.77 -4.65 -11.31
N ILE A 287 -14.59 -3.71 -11.73
CA ILE A 287 -15.64 -3.17 -10.85
C ILE A 287 -16.67 -4.23 -10.56
N GLU A 288 -17.14 -4.92 -11.59
CA GLU A 288 -18.11 -5.96 -11.42
C GLU A 288 -17.50 -7.12 -10.62
N ALA A 289 -16.23 -7.44 -10.91
CA ALA A 289 -15.49 -8.46 -10.18
C ALA A 289 -15.39 -8.09 -8.73
N ASN A 290 -15.25 -6.82 -8.42
CA ASN A 290 -15.07 -6.50 -7.02
C ASN A 290 -16.41 -6.49 -6.33
N ARG A 291 -17.46 -6.27 -7.12
CA ARG A 291 -18.79 -6.32 -6.53
C ARG A 291 -19.03 -7.75 -6.01
N SER A 292 -18.68 -8.72 -6.83
CA SER A 292 -18.98 -10.11 -6.51
C SER A 292 -18.21 -10.57 -5.30
N ILE A 293 -16.91 -10.26 -5.30
CA ILE A 293 -16.00 -10.59 -4.21
C ILE A 293 -16.54 -10.02 -2.90
N ILE A 294 -16.99 -8.79 -2.97
CA ILE A 294 -17.45 -8.13 -1.77
C ILE A 294 -18.76 -8.74 -1.28
N LYS A 295 -19.72 -9.04 -2.17
CA LYS A 295 -21.01 -9.42 -1.61
C LYS A 295 -20.92 -10.89 -1.15
N ASN A 296 -20.05 -11.68 -1.77
CA ASN A 296 -19.68 -13.00 -1.28
C ASN A 296 -18.94 -13.03 0.06
N ALA A 297 -18.01 -12.09 0.24
CA ALA A 297 -17.23 -12.06 1.47
C ALA A 297 -18.13 -11.60 2.60
N ARG A 298 -18.96 -10.60 2.33
CA ARG A 298 -20.01 -10.24 3.26
C ARG A 298 -20.93 -11.43 3.58
N ALA A 299 -21.35 -12.19 2.57
CA ALA A 299 -22.29 -13.27 2.81
C ALA A 299 -21.67 -14.31 3.78
N LEU A 300 -20.39 -14.56 3.60
CA LEU A 300 -19.63 -15.48 4.43
C LEU A 300 -19.41 -14.99 5.87
N GLY A 301 -19.72 -13.73 6.16
CA GLY A 301 -19.47 -13.18 7.49
C GLY A 301 -18.37 -12.13 7.65
N PHE A 302 -17.50 -11.92 6.67
CA PHE A 302 -16.48 -10.86 6.79
C PHE A 302 -17.12 -9.48 6.90
N ASN A 303 -16.58 -8.70 7.83
CA ASN A 303 -17.00 -7.32 8.06
C ASN A 303 -16.11 -6.34 7.29
N ILE A 304 -16.74 -5.55 6.43
CA ILE A 304 -16.05 -4.81 5.39
C ILE A 304 -16.70 -3.47 5.14
N GLU A 305 -16.01 -2.38 5.46
CA GLU A 305 -16.33 -1.06 4.94
C GLU A 305 -15.88 -0.91 3.47
N VAL A 306 -16.73 -0.27 2.68
CA VAL A 306 -16.52 -0.09 1.27
C VAL A 306 -16.64 1.38 0.94
N PHE A 307 -15.78 1.85 0.04
CA PHE A 307 -15.81 3.25 -0.36
C PHE A 307 -15.58 3.27 -1.82
N THR A 308 -16.16 4.25 -2.50
CA THR A 308 -16.05 4.31 -3.94
C THR A 308 -15.83 5.73 -4.37
N TYR A 309 -15.17 5.87 -5.52
CA TYR A 309 -14.86 7.16 -6.10
C TYR A 309 -15.08 7.01 -7.59
N ASN A 310 -16.10 7.73 -8.09
CA ASN A 310 -16.60 7.59 -9.47
C ASN A 310 -16.87 6.19 -10.01
N VAL A 311 -17.39 5.33 -9.17
CA VAL A 311 -17.73 4.00 -9.56
C VAL A 311 -18.99 3.56 -8.86
N ASP A 312 -19.76 2.71 -9.51
CA ASP A 312 -21.05 2.34 -8.97
C ASP A 312 -21.12 1.09 -8.09
N LEU A 313 -20.65 -0.04 -8.53
CA LEU A 313 -20.59 -1.21 -7.65
C LEU A 313 -21.95 -1.83 -7.44
N GLY A 314 -22.95 -1.02 -7.17
CA GLY A 314 -24.30 -1.34 -7.52
C GLY A 314 -25.33 -1.65 -6.48
N GLU A 315 -26.19 -2.59 -6.87
CA GLU A 315 -27.50 -2.88 -6.25
C GLU A 315 -27.58 -4.31 -5.60
N ASP A 316 -27.32 -4.45 -4.30
CA ASP A 316 -26.87 -3.33 -3.50
C ASP A 316 -25.94 -3.66 -2.35
N ILE A 317 -24.71 -3.30 -2.65
CA ILE A 317 -23.61 -3.25 -1.75
C ILE A 317 -23.81 -2.01 -0.96
N GLU A 318 -23.68 -2.09 0.36
CA GLU A 318 -23.70 -0.89 1.15
C GLU A 318 -22.34 -0.28 0.97
N ALA A 319 -22.31 0.93 0.40
CA ALA A 319 -21.06 1.55 0.04
C ALA A 319 -21.06 3.00 0.48
N THR A 320 -19.97 3.70 0.28
CA THR A 320 -19.86 5.09 0.66
C THR A 320 -19.09 5.83 -0.41
N LYS A 321 -19.82 6.67 -1.14
CA LYS A 321 -19.31 7.51 -2.21
C LYS A 321 -18.49 8.61 -1.58
N VAL A 322 -17.34 8.89 -2.18
CA VAL A 322 -16.51 10.00 -1.73
C VAL A 322 -16.28 10.85 -2.96
N SER A 323 -15.96 12.11 -2.74
CA SER A 323 -15.74 13.07 -3.82
C SER A 323 -14.27 13.26 -4.12
N SER A 324 -13.42 12.63 -3.31
CA SER A 324 -11.96 12.71 -3.44
C SER A 324 -11.18 11.75 -2.53
N VAL A 325 -9.90 11.64 -2.86
CA VAL A 325 -8.99 10.80 -2.11
C VAL A 325 -8.91 11.30 -0.68
N GLU A 326 -8.90 12.62 -0.52
CA GLU A 326 -8.82 13.21 0.81
C GLU A 326 -10.00 12.69 1.61
N GLU A 327 -11.13 12.57 0.95
CA GLU A 327 -12.33 12.28 1.70
C GLU A 327 -12.30 10.81 2.08
N LEU A 328 -11.91 9.95 1.14
CA LEU A 328 -11.59 8.56 1.43
C LEU A 328 -10.65 8.43 2.65
N VAL A 329 -9.54 9.14 2.60
CA VAL A 329 -8.57 9.06 3.66
C VAL A 329 -9.16 9.50 4.96
N ALA A 330 -9.87 10.63 4.92
CA ALA A 330 -10.62 11.14 6.09
C ALA A 330 -11.50 10.07 6.68
N ASN A 331 -12.22 9.37 5.84
CA ASN A 331 -13.05 8.29 6.30
C ASN A 331 -12.30 7.16 6.94
N LEU A 332 -11.19 6.76 6.34
CA LEU A 332 -10.35 5.73 6.90
C LEU A 332 -9.76 6.08 8.25
N VAL A 333 -9.26 7.29 8.43
CA VAL A 333 -8.66 7.64 9.68
C VAL A 333 -9.63 7.62 10.86
N LYS A 334 -10.88 7.30 10.62
CA LYS A 334 -11.81 6.85 11.63
C LYS A 334 -11.24 6.00 12.74
N MET A 335 -9.97 5.61 12.61
CA MET A 335 -9.39 4.44 13.32
C MET A 335 -10.37 3.30 13.27
#